data_7MJ6
#
_entry.id   7MJ6
#
_cell.length_a   111.410
_cell.length_b   78.980
_cell.length_c   60.370
_cell.angle_alpha   90.00
_cell.angle_beta   97.43
_cell.angle_gamma   90.00
#
_symmetry.space_group_name_H-M   'C 1 2 1'
#
loop_
_entity.id
_entity.type
_entity.pdbx_description
1 polymer 'MHC class I antigen'
2 polymer Beta-2-microglobulin
3 polymer 'Insulin-like growth factor-binding protein-like 1 peptide'
4 non-polymer GLYCEROL
5 water water
#
loop_
_entity_poly.entity_id
_entity_poly.type
_entity_poly.pdbx_seq_one_letter_code
_entity_poly.pdbx_strand_id
1 'polypeptide(L)'
;MGSHSMRYFFTSVSRPGRGEPRFIAVGYVDDTQFVRFDSDAASQRMEPRAPWIEQEGPEYWDGETRKVKAHSQTHRVDLG
TLRGYYNQSEAGSHTVQRMYGCDVGSDWRFLRGYHQYAYDGKDYIALKEDLRSWTAADMAAQTTKHKWEAAHVAEQLRAY
LEGTCVEWLRRYLENGKETLQRTDAPKTHMTHHAVSDHEATLRCWALSFYPAEITLTWQRDGEDQTQDTELVETRPAGDG
TFQKWAAVVVPSGQEQRYTCHVQHEGLPKPLTLRWEP
;
A
2 'polypeptide(L)'
;MIQRTPKIQVYSRHPAENGKSNFLNCYVSGFHPSDIEVDLLKNGERIEKVEHSDLSFSKDWSFYLLYYTEFTPTEKDEYA
CRVNHVTLSQPKIVKWDRDM
;
B
3 'polypeptide(L)' LLLPLLPPL C
#
# COMPACT_ATOMS: atom_id res chain seq x y z
N GLY A 2 -20.82 -2.40 1.38
CA GLY A 2 -20.37 -1.17 0.77
C GLY A 2 -19.85 -1.36 -0.63
N SER A 3 -19.04 -0.42 -1.08
CA SER A 3 -18.43 -0.51 -2.40
C SER A 3 -17.15 -1.34 -2.35
N HIS A 4 -16.68 -1.75 -3.53
CA HIS A 4 -15.55 -2.65 -3.62
C HIS A 4 -14.70 -2.26 -4.82
N SER A 5 -13.46 -2.74 -4.81
CA SER A 5 -12.55 -2.44 -5.89
C SER A 5 -11.63 -3.62 -6.11
N MET A 6 -11.16 -3.76 -7.34
CA MET A 6 -10.04 -4.64 -7.65
C MET A 6 -8.94 -3.80 -8.28
N ARG A 7 -7.70 -3.98 -7.81
CA ARG A 7 -6.58 -3.18 -8.32
C ARG A 7 -5.35 -4.04 -8.47
N TYR A 8 -4.61 -3.80 -9.56
CA TYR A 8 -3.31 -4.39 -9.80
C TYR A 8 -2.26 -3.29 -9.83
N PHE A 9 -1.16 -3.51 -9.10
CA PHE A 9 -0.03 -2.60 -9.04
C PHE A 9 1.20 -3.29 -9.63
N PHE A 10 1.96 -2.56 -10.43
CA PHE A 10 3.13 -3.11 -11.11
C PHE A 10 4.29 -2.14 -10.97
N THR A 11 5.43 -2.64 -10.52
CA THR A 11 6.67 -1.85 -10.46
C THR A 11 7.77 -2.59 -11.21
N SER A 12 8.53 -1.86 -12.04
CA SER A 12 9.67 -2.43 -12.75
CA SER A 12 9.68 -2.44 -12.73
C SER A 12 10.85 -1.48 -12.59
N VAL A 13 11.99 -2.00 -12.13
CA VAL A 13 13.17 -1.18 -11.84
C VAL A 13 14.32 -1.73 -12.67
N SER A 14 14.89 -0.90 -13.54
CA SER A 14 15.96 -1.40 -14.39
C SER A 14 17.22 -1.63 -13.57
N ARG A 15 18.03 -2.57 -14.05
CA ARG A 15 19.27 -2.98 -13.39
C ARG A 15 20.40 -2.83 -14.39
N PRO A 16 20.95 -1.63 -14.52
CA PRO A 16 21.97 -1.40 -15.57
C PRO A 16 23.22 -2.26 -15.43
N GLY A 17 23.64 -2.58 -14.21
CA GLY A 17 24.88 -3.31 -14.04
C GLY A 17 24.87 -4.71 -14.65
N ARG A 18 23.71 -5.37 -14.63
CA ARG A 18 23.61 -6.74 -15.16
C ARG A 18 22.16 -7.20 -15.11
N GLY A 19 21.68 -7.81 -16.19
CA GLY A 19 20.40 -8.49 -16.18
C GLY A 19 19.21 -7.59 -16.45
N GLU A 20 18.04 -8.18 -16.25
CA GLU A 20 16.81 -7.53 -16.63
C GLU A 20 16.19 -6.81 -15.43
N PRO A 21 15.17 -6.01 -15.67
CA PRO A 21 14.58 -5.22 -14.57
C PRO A 21 13.95 -6.11 -13.51
N ARG A 22 13.98 -5.62 -12.27
CA ARG A 22 13.17 -6.22 -11.21
C ARG A 22 11.72 -5.88 -11.47
N PHE A 23 10.84 -6.88 -11.42
CA PHE A 23 9.44 -6.66 -11.69
C PHE A 23 8.62 -7.25 -10.55
N ILE A 24 7.69 -6.47 -10.02
CA ILE A 24 6.87 -6.90 -8.90
C ILE A 24 5.44 -6.50 -9.20
N ALA A 25 4.53 -7.48 -9.19
CA ALA A 25 3.12 -7.26 -9.42
C ALA A 25 2.35 -7.75 -8.19
N VAL A 26 1.35 -6.98 -7.80
CA VAL A 26 0.48 -7.34 -6.67
CA VAL A 26 0.48 -7.34 -6.67
C VAL A 26 -0.95 -7.04 -7.07
N GLY A 27 -1.84 -7.92 -6.67
CA GLY A 27 -3.24 -7.79 -6.93
C GLY A 27 -4.00 -7.67 -5.63
N TYR A 28 -4.99 -6.77 -5.61
CA TYR A 28 -5.69 -6.46 -4.33
C TYR A 28 -7.20 -6.28 -4.50
N VAL A 29 -8.00 -7.06 -3.79
CA VAL A 29 -9.44 -6.81 -3.74
C VAL A 29 -9.67 -6.00 -2.48
N ASP A 30 -10.23 -4.79 -2.65
CA ASP A 30 -10.33 -3.84 -1.53
C ASP A 30 -8.94 -3.74 -0.90
N ASP A 31 -8.79 -3.97 0.41
CA ASP A 31 -7.48 -3.87 1.04
C ASP A 31 -6.85 -5.26 1.28
N THR A 32 -7.24 -6.27 0.51
CA THR A 32 -6.73 -7.63 0.69
C THR A 32 -5.87 -7.98 -0.51
N GLN A 33 -4.58 -8.20 -0.26
CA GLN A 33 -3.72 -8.69 -1.32
C GLN A 33 -4.06 -10.15 -1.61
N PHE A 34 -4.25 -10.49 -2.88
CA PHE A 34 -4.62 -11.87 -3.18
C PHE A 34 -3.69 -12.58 -4.15
N VAL A 35 -2.87 -11.86 -4.92
CA VAL A 35 -1.87 -12.49 -5.78
C VAL A 35 -0.61 -11.66 -5.76
N ARG A 36 0.50 -12.30 -6.15
CA ARG A 36 1.78 -11.62 -6.27
C ARG A 36 2.59 -12.31 -7.35
N PHE A 37 3.51 -11.56 -7.95
CA PHE A 37 4.56 -12.10 -8.79
C PHE A 37 5.81 -11.27 -8.51
N ASP A 38 6.93 -11.92 -8.22
CA ASP A 38 8.21 -11.25 -8.02
C ASP A 38 9.23 -11.92 -8.93
N SER A 39 9.77 -11.15 -9.88
CA SER A 39 10.71 -11.72 -10.84
C SER A 39 11.95 -12.30 -10.17
N ASP A 40 12.26 -11.87 -8.94
CA ASP A 40 13.38 -12.44 -8.20
C ASP A 40 13.02 -13.75 -7.50
N ALA A 41 11.74 -14.10 -7.42
CA ALA A 41 11.37 -15.31 -6.71
C ALA A 41 11.64 -16.55 -7.55
N ALA A 42 11.70 -17.70 -6.87
CA ALA A 42 12.06 -18.95 -7.54
C ALA A 42 10.91 -19.53 -8.33
N SER A 43 9.67 -19.39 -7.84
CA SER A 43 8.54 -19.99 -8.54
C SER A 43 8.47 -19.53 -9.99
N GLN A 44 8.75 -18.26 -10.26
CA GLN A 44 8.42 -17.65 -11.55
C GLN A 44 6.94 -17.83 -11.88
N ARG A 45 6.10 -17.82 -10.86
CA ARG A 45 4.68 -18.02 -11.02
C ARG A 45 3.92 -16.89 -10.33
N MET A 46 2.76 -16.55 -10.86
CA MET A 46 1.78 -15.84 -10.05
C MET A 46 1.45 -16.72 -8.85
N GLU A 47 1.49 -16.14 -7.65
CA GLU A 47 1.28 -16.94 -6.48
C GLU A 47 0.06 -16.43 -5.70
N PRO A 48 -0.69 -17.32 -5.07
CA PRO A 48 -1.79 -16.89 -4.21
C PRO A 48 -1.29 -16.25 -2.93
N ARG A 49 -2.06 -15.26 -2.44
CA ARG A 49 -1.79 -14.64 -1.15
C ARG A 49 -3.04 -14.57 -0.26
N ALA A 50 -4.14 -15.18 -0.67
CA ALA A 50 -5.36 -15.27 0.11
C ALA A 50 -5.96 -16.66 -0.07
N PRO A 51 -6.58 -17.22 0.97
CA PRO A 51 -7.12 -18.59 0.85
C PRO A 51 -8.12 -18.74 -0.29
N TRP A 52 -8.99 -17.74 -0.49
CA TRP A 52 -10.10 -17.90 -1.42
C TRP A 52 -9.67 -17.91 -2.89
N ILE A 53 -8.48 -17.40 -3.22
CA ILE A 53 -8.04 -17.47 -4.60
C ILE A 53 -7.48 -18.86 -4.93
N GLU A 54 -7.08 -19.64 -3.92
CA GLU A 54 -6.67 -21.01 -4.17
C GLU A 54 -7.81 -21.90 -4.67
N GLN A 55 -9.05 -21.43 -4.57
CA GLN A 55 -10.14 -22.15 -5.23
C GLN A 55 -9.97 -22.17 -6.75
N GLU A 56 -9.09 -21.33 -7.30
CA GLU A 56 -8.87 -21.32 -8.74
C GLU A 56 -8.00 -22.49 -9.16
N GLY A 57 -8.33 -23.07 -10.31
CA GLY A 57 -7.64 -24.24 -10.80
C GLY A 57 -6.38 -23.90 -11.58
N PRO A 58 -5.69 -24.94 -12.04
CA PRO A 58 -4.41 -24.73 -12.73
C PRO A 58 -4.51 -23.88 -13.99
N GLU A 59 -5.65 -23.87 -14.68
CA GLU A 59 -5.76 -23.00 -15.85
C GLU A 59 -5.65 -21.54 -15.44
N TYR A 60 -6.16 -21.21 -14.26
CA TYR A 60 -6.07 -19.85 -13.76
C TYR A 60 -4.61 -19.48 -13.49
N TRP A 61 -3.90 -20.33 -12.75
CA TRP A 61 -2.53 -20.00 -12.40
C TRP A 61 -1.62 -20.02 -13.63
N ASP A 62 -1.86 -20.94 -14.56
CA ASP A 62 -1.07 -20.95 -15.79
C ASP A 62 -1.32 -19.67 -16.60
N GLY A 63 -2.58 -19.26 -16.74
CA GLY A 63 -2.88 -18.09 -17.56
C GLY A 63 -2.45 -16.78 -16.90
N GLU A 64 -2.65 -16.65 -15.60
CA GLU A 64 -2.20 -15.44 -14.93
C GLU A 64 -0.68 -15.35 -14.93
N THR A 65 0.01 -16.49 -14.81
CA THR A 65 1.47 -16.47 -14.89
C THR A 65 1.92 -16.00 -16.27
N ARG A 66 1.34 -16.57 -17.33
CA ARG A 66 1.70 -16.11 -18.67
C ARG A 66 1.47 -14.61 -18.80
N LYS A 67 0.30 -14.13 -18.36
CA LYS A 67 -0.06 -12.72 -18.56
C LYS A 67 0.83 -11.80 -17.73
N VAL A 68 1.16 -12.18 -16.50
CA VAL A 68 1.99 -11.29 -15.70
C VAL A 68 3.41 -11.26 -16.25
N LYS A 69 3.89 -12.37 -16.81
CA LYS A 69 5.18 -12.29 -17.50
C LYS A 69 5.10 -11.41 -18.75
N ALA A 70 3.97 -11.45 -19.47
CA ALA A 70 3.81 -10.56 -20.60
C ALA A 70 3.77 -9.09 -20.14
N HIS A 71 3.09 -8.82 -19.02
CA HIS A 71 3.13 -7.50 -18.43
C HIS A 71 4.58 -7.08 -18.16
N SER A 72 5.37 -8.00 -17.59
N SER A 72 5.36 -8.00 -17.58
CA SER A 72 6.75 -7.64 -17.23
CA SER A 72 6.75 -7.69 -17.24
C SER A 72 7.57 -7.31 -18.48
C SER A 72 7.56 -7.29 -18.46
N GLN A 73 7.35 -8.04 -19.58
N GLN A 73 7.35 -7.98 -19.59
CA GLN A 73 8.09 -7.71 -20.80
CA GLN A 73 8.12 -7.67 -20.78
C GLN A 73 7.68 -6.34 -21.34
C GLN A 73 7.67 -6.35 -21.41
N THR A 74 6.39 -6.01 -21.30
CA THR A 74 5.95 -4.69 -21.70
C THR A 74 6.66 -3.60 -20.90
N HIS A 75 6.73 -3.78 -19.58
CA HIS A 75 7.45 -2.82 -18.75
C HIS A 75 8.93 -2.80 -19.08
N ARG A 76 9.51 -3.94 -19.43
CA ARG A 76 10.92 -3.95 -19.80
C ARG A 76 11.16 -3.10 -21.05
N VAL A 77 10.35 -3.34 -22.09
N VAL A 77 10.34 -3.29 -22.08
CA VAL A 77 10.50 -2.56 -23.31
CA VAL A 77 10.61 -2.53 -23.30
C VAL A 77 10.25 -1.09 -23.03
C VAL A 77 10.20 -1.07 -23.10
N ASP A 78 9.24 -0.79 -22.22
CA ASP A 78 8.89 0.61 -21.92
C ASP A 78 10.06 1.34 -21.28
N LEU A 79 10.73 0.70 -20.31
CA LEU A 79 11.92 1.32 -19.73
C LEU A 79 12.93 1.70 -20.82
N GLY A 80 13.09 0.83 -21.83
CA GLY A 80 13.99 1.17 -22.92
C GLY A 80 13.46 2.31 -23.77
N THR A 81 12.17 2.30 -24.10
CA THR A 81 11.58 3.39 -24.86
C THR A 81 11.74 4.72 -24.14
N LEU A 82 11.43 4.74 -22.83
CA LEU A 82 11.45 5.99 -22.08
C LEU A 82 12.87 6.54 -21.93
N ARG A 83 13.84 5.65 -21.68
N ARG A 83 13.85 5.66 -21.71
CA ARG A 83 15.25 6.04 -21.66
CA ARG A 83 15.24 6.10 -21.65
C ARG A 83 15.59 6.85 -22.91
C ARG A 83 15.63 6.84 -22.92
N GLY A 84 15.11 6.38 -24.06
CA GLY A 84 15.38 7.09 -25.31
C GLY A 84 14.57 8.36 -25.45
N TYR A 85 13.31 8.35 -25.02
CA TYR A 85 12.49 9.57 -25.07
C TYR A 85 13.12 10.68 -24.25
N TYR A 86 13.69 10.35 -23.09
CA TYR A 86 14.27 11.34 -22.20
C TYR A 86 15.77 11.45 -22.38
N ASN A 87 16.32 10.80 -23.40
CA ASN A 87 17.75 10.86 -23.73
C ASN A 87 18.61 10.61 -22.50
N GLN A 88 18.25 9.56 -21.76
CA GLN A 88 18.99 9.18 -20.57
C GLN A 88 20.02 8.10 -20.91
N SER A 89 21.04 8.01 -20.08
CA SER A 89 22.09 7.05 -20.36
C SER A 89 21.68 5.65 -19.94
N GLU A 90 22.39 4.66 -20.46
CA GLU A 90 22.15 3.28 -20.05
C GLU A 90 22.75 2.96 -18.69
N ALA A 91 23.50 3.89 -18.08
CA ALA A 91 24.15 3.63 -16.81
C ALA A 91 23.20 3.74 -15.61
N GLY A 92 22.08 4.42 -15.76
CA GLY A 92 21.23 4.73 -14.62
C GLY A 92 20.08 3.74 -14.45
N SER A 93 19.65 3.57 -13.21
CA SER A 93 18.46 2.81 -12.91
C SER A 93 17.23 3.71 -12.96
N HIS A 94 16.15 3.19 -13.57
CA HIS A 94 14.89 3.93 -13.67
C HIS A 94 13.72 3.02 -13.33
N THR A 95 12.56 3.64 -13.07
CA THR A 95 11.39 2.94 -12.54
C THR A 95 10.17 3.27 -13.39
N VAL A 96 9.39 2.25 -13.76
CA VAL A 96 8.02 2.45 -14.24
C VAL A 96 7.06 1.83 -13.22
N GLN A 97 5.91 2.49 -13.06
CA GLN A 97 4.86 2.04 -12.15
C GLN A 97 3.54 2.12 -12.88
N ARG A 98 2.69 1.11 -12.67
CA ARG A 98 1.40 1.09 -13.33
C ARG A 98 0.38 0.56 -12.34
N MET A 99 -0.80 1.16 -12.33
CA MET A 99 -1.93 0.68 -11.54
C MET A 99 -3.18 0.69 -12.42
N TYR A 100 -3.98 -0.38 -12.34
CA TYR A 100 -5.25 -0.34 -13.03
C TYR A 100 -6.25 -1.17 -12.25
N GLY A 101 -7.53 -0.94 -12.52
CA GLY A 101 -8.56 -1.70 -11.85
C GLY A 101 -9.91 -0.98 -11.91
N CYS A 102 -10.84 -1.51 -11.11
CA CYS A 102 -12.22 -1.03 -11.20
C CYS A 102 -12.83 -0.94 -9.81
N ASP A 103 -13.81 -0.04 -9.66
CA ASP A 103 -14.66 0.07 -8.49
C ASP A 103 -16.09 -0.30 -8.86
N VAL A 104 -16.80 -0.97 -7.93
CA VAL A 104 -18.22 -1.21 -8.05
C VAL A 104 -18.89 -0.67 -6.80
N GLY A 105 -20.18 -0.31 -6.93
CA GLY A 105 -20.94 0.21 -5.82
C GLY A 105 -21.42 -0.91 -4.91
N SER A 106 -22.18 -0.52 -3.88
CA SER A 106 -22.70 -1.51 -2.94
C SER A 106 -23.68 -2.48 -3.60
N ASP A 107 -24.27 -2.09 -4.73
CA ASP A 107 -25.06 -2.99 -5.56
C ASP A 107 -24.20 -3.82 -6.52
N TRP A 108 -22.88 -3.71 -6.43
CA TRP A 108 -21.91 -4.40 -7.29
C TRP A 108 -22.01 -3.95 -8.75
N ARG A 109 -22.62 -2.81 -9.02
CA ARG A 109 -22.61 -2.24 -10.35
C ARG A 109 -21.34 -1.40 -10.55
N PHE A 110 -20.88 -1.37 -11.80
CA PHE A 110 -19.66 -0.64 -12.15
C PHE A 110 -19.79 0.83 -11.76
N LEU A 111 -18.75 1.34 -11.10
CA LEU A 111 -18.65 2.75 -10.72
C LEU A 111 -17.59 3.48 -11.52
N ARG A 112 -16.34 3.05 -11.41
N ARG A 112 -16.39 2.93 -11.57
CA ARG A 112 -15.21 3.69 -12.04
CA ARG A 112 -15.20 3.70 -11.94
C ARG A 112 -14.24 2.64 -12.55
C ARG A 112 -14.10 2.74 -12.38
N GLY A 113 -13.38 3.09 -13.44
CA GLY A 113 -12.21 2.32 -13.87
C GLY A 113 -11.01 3.23 -13.92
N TYR A 114 -9.82 2.64 -13.76
CA TYR A 114 -8.58 3.40 -13.72
C TYR A 114 -7.49 2.68 -14.51
N HIS A 115 -6.59 3.48 -15.09
CA HIS A 115 -5.35 2.92 -15.66
C HIS A 115 -4.34 4.05 -15.72
N GLN A 116 -3.35 4.03 -14.85
CA GLN A 116 -2.40 5.12 -14.78
C GLN A 116 -0.97 4.59 -14.76
N TYR A 117 -0.04 5.40 -15.27
CA TYR A 117 1.32 4.98 -15.54
C TYR A 117 2.25 6.11 -15.12
N ALA A 118 3.35 5.77 -14.44
CA ALA A 118 4.33 6.76 -14.01
C ALA A 118 5.74 6.33 -14.42
N TYR A 119 6.61 7.33 -14.63
CA TYR A 119 8.02 7.09 -14.92
C TYR A 119 8.85 7.85 -13.91
N ASP A 120 9.80 7.15 -13.27
CA ASP A 120 10.63 7.75 -12.23
C ASP A 120 9.81 8.56 -11.21
N GLY A 121 8.67 7.99 -10.81
CA GLY A 121 7.89 8.57 -9.74
C GLY A 121 6.99 9.73 -10.12
N LYS A 122 6.85 10.01 -11.41
CA LYS A 122 6.07 11.15 -11.90
C LYS A 122 5.01 10.63 -12.87
N ASP A 123 3.83 11.22 -12.84
CA ASP A 123 2.79 10.91 -13.83
C ASP A 123 3.36 10.90 -15.25
N TYR A 124 2.99 9.89 -16.04
CA TYR A 124 3.37 9.86 -17.45
C TYR A 124 2.09 9.96 -18.27
N ILE A 125 1.28 8.90 -18.19
CA ILE A 125 0.02 8.90 -18.91
C ILE A 125 -1.02 8.15 -18.08
N ALA A 126 -2.27 8.57 -18.18
CA ALA A 126 -3.36 7.95 -17.43
C ALA A 126 -4.64 8.06 -18.23
N LEU A 127 -5.47 7.02 -18.15
N LEU A 127 -5.46 7.01 -18.17
CA LEU A 127 -6.80 7.08 -18.74
CA LEU A 127 -6.82 7.09 -18.67
C LEU A 127 -7.69 8.01 -17.93
C LEU A 127 -7.58 8.15 -17.90
N LYS A 128 -8.43 8.89 -18.61
CA LYS A 128 -9.35 9.79 -17.95
C LYS A 128 -10.54 9.01 -17.40
N GLU A 129 -11.27 9.65 -16.49
CA GLU A 129 -12.38 8.96 -15.84
C GLU A 129 -13.41 8.45 -16.84
N ASP A 130 -13.54 9.12 -18.00
CA ASP A 130 -14.47 8.63 -19.02
C ASP A 130 -13.95 7.38 -19.74
N LEU A 131 -12.71 6.97 -19.50
CA LEU A 131 -12.15 5.75 -20.09
C LEU A 131 -12.06 5.82 -21.61
N ARG A 132 -12.09 7.03 -22.16
CA ARG A 132 -12.02 7.25 -23.59
C ARG A 132 -10.83 8.07 -24.04
N SER A 133 -10.34 8.99 -23.21
CA SER A 133 -9.22 9.86 -23.55
C SER A 133 -8.09 9.68 -22.54
N TRP A 134 -6.96 10.30 -22.84
CA TRP A 134 -5.73 10.13 -22.07
C TRP A 134 -5.27 11.47 -21.51
N THR A 135 -4.69 11.42 -20.32
CA THR A 135 -3.98 12.56 -19.73
C THR A 135 -2.49 12.30 -19.90
N ALA A 136 -1.84 13.09 -20.75
CA ALA A 136 -0.40 13.01 -20.97
C ALA A 136 0.24 14.19 -20.27
N ALA A 137 1.19 13.90 -19.38
CA ALA A 137 1.79 14.95 -18.56
C ALA A 137 2.80 15.81 -19.31
N ASP A 138 3.55 15.24 -20.26
CA ASP A 138 4.59 16.00 -20.96
C ASP A 138 4.59 15.58 -22.43
N MET A 139 5.59 16.03 -23.21
CA MET A 139 5.58 15.81 -24.65
C MET A 139 5.97 14.37 -25.01
N ALA A 140 6.78 13.72 -24.18
CA ALA A 140 7.01 12.28 -24.36
C ALA A 140 5.71 11.49 -24.22
N ALA A 141 4.97 11.73 -23.13
CA ALA A 141 3.69 11.05 -22.96
C ALA A 141 2.71 11.44 -24.07
N GLN A 142 2.83 12.65 -24.61
CA GLN A 142 1.97 13.03 -25.73
C GLN A 142 2.23 12.16 -26.97
N THR A 143 3.48 11.74 -27.18
CA THR A 143 3.78 10.81 -28.27
C THR A 143 3.11 9.46 -28.06
N THR A 144 3.14 8.98 -26.81
CA THR A 144 2.43 7.73 -26.48
C THR A 144 0.93 7.88 -26.70
N LYS A 145 0.38 9.01 -26.25
CA LYS A 145 -1.05 9.27 -26.40
C LYS A 145 -1.49 9.19 -27.85
N HIS A 146 -0.74 9.82 -28.75
CA HIS A 146 -1.12 9.79 -30.17
C HIS A 146 -1.02 8.38 -30.71
N LYS A 147 -0.04 7.61 -30.25
CA LYS A 147 0.11 6.23 -30.70
C LYS A 147 -1.03 5.36 -30.18
N TRP A 148 -1.40 5.54 -28.92
CA TRP A 148 -2.46 4.74 -28.33
C TRP A 148 -3.84 5.16 -28.83
N GLU A 149 -4.00 6.44 -29.18
CA GLU A 149 -5.27 6.85 -29.80
C GLU A 149 -5.45 6.22 -31.16
N ALA A 150 -4.38 6.21 -31.98
CA ALA A 150 -4.47 5.64 -33.32
C ALA A 150 -4.75 4.14 -33.28
N ALA A 151 -4.23 3.44 -32.27
CA ALA A 151 -4.46 2.01 -32.11
C ALA A 151 -5.68 1.69 -31.27
N HIS A 152 -6.37 2.72 -30.76
CA HIS A 152 -7.62 2.53 -30.02
C HIS A 152 -7.42 1.66 -28.79
N VAL A 153 -6.30 1.88 -28.11
CA VAL A 153 -5.99 1.16 -26.88
C VAL A 153 -7.05 1.41 -25.82
N ALA A 154 -7.60 2.62 -25.77
CA ALA A 154 -8.58 2.94 -24.74
C ALA A 154 -9.81 2.05 -24.86
N GLU A 155 -10.24 1.73 -26.08
CA GLU A 155 -11.42 0.87 -26.26
C GLU A 155 -11.17 -0.52 -25.68
N GLN A 156 -9.96 -1.05 -25.85
CA GLN A 156 -9.61 -2.34 -25.26
C GLN A 156 -9.58 -2.27 -23.75
N LEU A 157 -8.96 -1.22 -23.20
CA LEU A 157 -8.87 -1.13 -21.75
C LEU A 157 -10.25 -0.93 -21.14
N ARG A 158 -11.10 -0.15 -21.83
CA ARG A 158 -12.45 0.10 -21.34
C ARG A 158 -13.27 -1.19 -21.31
N ALA A 159 -13.16 -2.02 -22.36
CA ALA A 159 -13.87 -3.29 -22.35
C ALA A 159 -13.46 -4.14 -21.15
N TYR A 160 -12.19 -4.08 -20.77
CA TYR A 160 -11.71 -4.82 -19.60
C TYR A 160 -12.18 -4.16 -18.30
N LEU A 161 -11.97 -2.85 -18.18
CA LEU A 161 -12.22 -2.16 -16.92
C LEU A 161 -13.69 -2.20 -16.54
N GLU A 162 -14.58 -2.01 -17.54
CA GLU A 162 -16.02 -2.05 -17.38
C GLU A 162 -16.59 -3.45 -17.45
N GLY A 163 -15.82 -4.43 -17.90
CA GLY A 163 -16.39 -5.74 -18.15
C GLY A 163 -15.69 -6.83 -17.38
N THR A 164 -14.62 -7.34 -17.97
CA THR A 164 -13.82 -8.38 -17.33
C THR A 164 -13.54 -8.07 -15.86
N CYS A 165 -13.07 -6.85 -15.60
CA CYS A 165 -12.65 -6.48 -14.24
C CYS A 165 -13.80 -6.59 -13.25
N VAL A 166 -14.97 -6.06 -13.61
CA VAL A 166 -16.14 -6.09 -12.74
C VAL A 166 -16.62 -7.50 -12.53
N GLU A 167 -16.67 -8.30 -13.61
CA GLU A 167 -17.16 -9.67 -13.49
C GLU A 167 -16.28 -10.49 -12.58
N TRP A 168 -14.96 -10.36 -12.71
CA TRP A 168 -14.07 -11.16 -11.88
C TRP A 168 -13.99 -10.63 -10.45
N LEU A 169 -14.12 -9.32 -10.25
CA LEU A 169 -14.21 -8.78 -8.90
C LEU A 169 -15.42 -9.38 -8.19
N ARG A 170 -16.57 -9.45 -8.87
CA ARG A 170 -17.74 -10.10 -8.30
C ARG A 170 -17.46 -11.56 -7.96
N ARG A 171 -16.80 -12.29 -8.88
CA ARG A 171 -16.51 -13.70 -8.60
C ARG A 171 -15.62 -13.84 -7.38
N TYR A 172 -14.60 -12.98 -7.26
CA TYR A 172 -13.74 -13.01 -6.08
C TYR A 172 -14.52 -12.69 -4.82
N LEU A 173 -15.38 -11.67 -4.88
CA LEU A 173 -16.16 -11.28 -3.71
C LEU A 173 -17.07 -12.41 -3.24
N GLU A 174 -17.57 -13.22 -4.17
CA GLU A 174 -18.39 -14.36 -3.78
C GLU A 174 -17.53 -15.50 -3.24
N ASN A 175 -16.43 -15.82 -3.93
CA ASN A 175 -15.58 -16.90 -3.43
C ASN A 175 -14.97 -16.58 -2.08
N GLY A 176 -14.65 -15.31 -1.83
CA GLY A 176 -14.05 -14.93 -0.58
C GLY A 176 -15.01 -14.26 0.38
N LYS A 177 -16.32 -14.47 0.19
CA LYS A 177 -17.36 -13.80 0.96
C LYS A 177 -17.04 -13.72 2.45
N GLU A 178 -16.59 -14.84 3.01
CA GLU A 178 -16.40 -14.95 4.45
C GLU A 178 -15.40 -13.94 4.98
N THR A 179 -14.47 -13.47 4.15
CA THR A 179 -13.59 -12.38 4.57
C THR A 179 -13.80 -11.10 3.78
N LEU A 180 -13.84 -11.18 2.46
CA LEU A 180 -13.97 -9.98 1.64
C LEU A 180 -15.24 -9.19 1.96
N GLN A 181 -16.32 -9.86 2.36
CA GLN A 181 -17.56 -9.14 2.64
C GLN A 181 -17.83 -8.96 4.12
N ARG A 182 -16.84 -9.20 4.97
CA ARG A 182 -16.92 -8.96 6.40
C ARG A 182 -16.21 -7.66 6.70
N THR A 183 -16.83 -6.80 7.51
CA THR A 183 -16.13 -5.63 8.04
C THR A 183 -15.69 -5.93 9.46
N ASP A 184 -14.49 -5.49 9.80
CA ASP A 184 -13.95 -5.63 11.15
C ASP A 184 -13.92 -4.24 11.77
N ALA A 185 -14.83 -3.98 12.70
CA ALA A 185 -14.86 -2.66 13.32
C ALA A 185 -13.58 -2.44 14.12
N PRO A 186 -13.11 -1.19 14.25
CA PRO A 186 -11.93 -0.95 15.08
C PRO A 186 -12.19 -1.31 16.53
N LYS A 187 -11.21 -1.97 17.14
CA LYS A 187 -11.16 -2.17 18.58
C LYS A 187 -10.49 -0.94 19.18
N THR A 188 -11.23 -0.18 19.97
CA THR A 188 -10.75 1.13 20.40
C THR A 188 -10.43 1.14 21.88
N HIS A 189 -9.43 1.94 22.24
CA HIS A 189 -9.19 2.27 23.64
C HIS A 189 -8.39 3.55 23.66
N MET A 190 -8.28 4.14 24.84
CA MET A 190 -7.54 5.37 25.05
C MET A 190 -6.44 5.10 26.07
N THR A 191 -5.26 5.66 25.82
CA THR A 191 -4.19 5.63 26.81
C THR A 191 -3.87 7.07 27.20
N HIS A 192 -3.21 7.21 28.36
CA HIS A 192 -2.94 8.50 28.98
C HIS A 192 -1.45 8.54 29.28
N HIS A 193 -0.79 9.63 28.89
CA HIS A 193 0.64 9.79 29.13
C HIS A 193 0.90 11.18 29.70
N ALA A 194 1.40 11.23 30.92
CA ALA A 194 1.79 12.51 31.53
C ALA A 194 3.11 12.97 30.90
N VAL A 195 3.03 13.94 29.99
CA VAL A 195 4.20 14.52 29.36
C VAL A 195 5.05 15.22 30.43
N SER A 196 4.51 16.29 30.97
CA SER A 196 5.19 17.08 31.99
C SER A 196 4.26 17.23 33.19
N ASP A 197 4.53 18.23 34.03
CA ASP A 197 3.73 18.48 35.22
C ASP A 197 2.37 19.08 34.91
N HIS A 198 2.20 19.69 33.74
CA HIS A 198 1.00 20.43 33.43
C HIS A 198 0.31 19.96 32.16
N GLU A 199 0.91 19.05 31.41
CA GLU A 199 0.33 18.58 30.17
C GLU A 199 0.31 17.06 30.18
N ALA A 200 -0.71 16.51 29.54
CA ALA A 200 -0.81 15.07 29.31
C ALA A 200 -1.19 14.84 27.86
N THR A 201 -0.80 13.68 27.34
CA THR A 201 -1.18 13.24 26.02
C THR A 201 -2.25 12.18 26.16
N LEU A 202 -3.36 12.37 25.46
CA LEU A 202 -4.36 11.33 25.27
C LEU A 202 -4.13 10.73 23.90
N ARG A 203 -4.10 9.41 23.84
CA ARG A 203 -3.91 8.73 22.56
C ARG A 203 -5.08 7.79 22.36
N CYS A 204 -5.81 8.01 21.27
CA CYS A 204 -6.99 7.25 20.90
C CYS A 204 -6.58 6.18 19.88
N TRP A 205 -6.82 4.92 20.21
CA TRP A 205 -6.34 3.80 19.42
C TRP A 205 -7.47 3.12 18.65
N ALA A 206 -7.19 2.76 17.40
CA ALA A 206 -8.12 1.98 16.59
C ALA A 206 -7.33 0.80 16.05
N LEU A 207 -7.68 -0.41 16.49
CA LEU A 207 -6.87 -1.58 16.19
C LEU A 207 -7.69 -2.66 15.51
N SER A 208 -7.01 -3.43 14.67
CA SER A 208 -7.53 -4.67 14.12
C SER A 208 -8.81 -4.41 13.30
N PHE A 209 -8.84 -3.32 12.49
CA PHE A 209 -9.98 -2.97 11.67
C PHE A 209 -9.80 -3.31 10.17
N TYR A 210 -10.83 -3.42 9.47
CA TYR A 210 -10.90 -3.74 8.07
C TYR A 210 -12.26 -3.33 7.51
N PRO A 211 -12.30 -2.60 6.42
CA PRO A 211 -11.13 -2.18 5.63
C PRO A 211 -10.34 -1.02 6.22
N ALA A 212 -9.34 -0.55 5.46
CA ALA A 212 -8.37 0.40 6.00
C ALA A 212 -8.97 1.78 6.22
N GLU A 213 -9.98 2.16 5.44
CA GLU A 213 -10.54 3.50 5.56
C GLU A 213 -11.10 3.75 6.95
N ILE A 214 -10.74 4.87 7.57
CA ILE A 214 -11.19 5.17 8.93
C ILE A 214 -11.01 6.66 9.15
N THR A 215 -11.81 7.23 10.05
CA THR A 215 -11.64 8.63 10.47
C THR A 215 -11.57 8.69 11.99
N LEU A 216 -10.50 9.28 12.51
CA LEU A 216 -10.36 9.57 13.93
C LEU A 216 -10.27 11.07 14.09
N THR A 217 -11.12 11.64 14.94
N THR A 217 -11.14 11.63 14.93
CA THR A 217 -11.06 13.07 15.17
CA THR A 217 -11.11 13.06 15.21
C THR A 217 -11.25 13.36 16.65
C THR A 217 -11.15 13.29 16.70
N TRP A 218 -10.56 14.41 17.12
CA TRP A 218 -10.65 14.87 18.49
C TRP A 218 -11.58 16.07 18.56
N GLN A 219 -12.37 16.13 19.62
CA GLN A 219 -13.18 17.29 19.93
C GLN A 219 -12.84 17.80 21.32
N ARG A 220 -12.91 19.12 21.49
CA ARG A 220 -12.81 19.76 22.80
C ARG A 220 -14.12 20.47 23.06
N ASP A 221 -14.82 20.07 24.12
CA ASP A 221 -16.12 20.65 24.45
C ASP A 221 -17.08 20.53 23.26
N GLY A 222 -17.02 19.40 22.55
CA GLY A 222 -17.91 19.15 21.44
C GLY A 222 -17.60 19.88 20.15
N GLU A 223 -16.43 20.51 20.05
CA GLU A 223 -16.01 21.15 18.81
C GLU A 223 -14.70 20.54 18.34
N ASP A 224 -14.58 20.36 17.03
CA ASP A 224 -13.41 19.69 16.47
C ASP A 224 -12.14 20.44 16.82
N GLN A 225 -11.11 19.69 17.19
CA GLN A 225 -9.81 20.25 17.50
C GLN A 225 -8.74 19.59 16.62
N THR A 226 -7.94 20.41 15.95
CA THR A 226 -6.75 19.94 15.25
C THR A 226 -5.45 20.46 15.83
N GLN A 227 -5.48 21.62 16.48
CA GLN A 227 -4.29 22.13 17.13
C GLN A 227 -3.82 21.17 18.23
N ASP A 228 -2.50 20.99 18.33
CA ASP A 228 -1.89 20.14 19.34
C ASP A 228 -2.32 18.68 19.22
N THR A 229 -2.71 18.26 18.02
CA THR A 229 -3.02 16.86 17.74
C THR A 229 -1.97 16.24 16.84
N GLU A 230 -1.95 14.91 16.81
CA GLU A 230 -1.09 14.18 15.91
C GLU A 230 -1.82 12.92 15.48
N LEU A 231 -1.82 12.65 14.18
CA LEU A 231 -2.50 11.51 13.59
C LEU A 231 -1.45 10.73 12.80
N VAL A 232 -1.31 9.44 13.06
CA VAL A 232 -0.34 8.67 12.28
C VAL A 232 -1.01 8.10 11.04
N GLU A 233 -0.19 7.77 10.04
CA GLU A 233 -0.70 7.09 8.87
C GLU A 233 -1.28 5.75 9.28
N THR A 234 -2.43 5.40 8.70
CA THR A 234 -2.97 4.06 8.87
C THR A 234 -1.93 3.02 8.47
N ARG A 235 -1.78 1.98 9.29
CA ARG A 235 -0.68 1.05 9.08
C ARG A 235 -1.17 -0.39 9.17
N PRO A 236 -0.52 -1.31 8.46
CA PRO A 236 -0.93 -2.71 8.51
C PRO A 236 -0.47 -3.39 9.79
N ALA A 237 -1.35 -4.21 10.35
CA ALA A 237 -0.99 -5.04 11.50
C ALA A 237 -0.14 -6.22 11.10
N GLY A 238 -0.26 -6.65 9.85
CA GLY A 238 0.43 -7.82 9.36
C GLY A 238 -0.44 -9.06 9.25
N ASP A 239 -1.63 -9.03 9.85
CA ASP A 239 -2.57 -10.15 9.79
C ASP A 239 -3.77 -9.83 8.89
N GLY A 240 -3.65 -8.82 8.05
CA GLY A 240 -4.73 -8.40 7.18
C GLY A 240 -5.58 -7.25 7.70
N THR A 241 -5.46 -6.90 8.97
CA THR A 241 -6.18 -5.76 9.52
C THR A 241 -5.25 -4.56 9.58
N PHE A 242 -5.78 -3.44 10.08
CA PHE A 242 -5.06 -2.17 10.09
C PHE A 242 -5.15 -1.52 11.45
N GLN A 243 -4.26 -0.54 11.66
CA GLN A 243 -4.14 0.19 12.92
C GLN A 243 -4.00 1.67 12.62
N LYS A 244 -4.50 2.48 13.56
CA LYS A 244 -4.30 3.93 13.50
C LYS A 244 -4.42 4.47 14.92
N TRP A 245 -3.76 5.59 15.18
CA TRP A 245 -4.04 6.29 16.42
C TRP A 245 -3.98 7.78 16.15
N ALA A 246 -4.67 8.52 17.02
CA ALA A 246 -4.65 9.98 17.02
C ALA A 246 -4.41 10.43 18.46
N ALA A 247 -3.63 11.48 18.64
CA ALA A 247 -3.29 11.93 19.99
C ALA A 247 -3.51 13.43 20.08
N VAL A 248 -3.78 13.90 21.29
CA VAL A 248 -3.92 15.33 21.56
C VAL A 248 -3.21 15.64 22.88
N VAL A 249 -2.56 16.80 22.93
CA VAL A 249 -1.95 17.26 24.17
C VAL A 249 -2.93 18.19 24.88
N VAL A 250 -3.16 17.94 26.17
CA VAL A 250 -4.20 18.65 26.92
C VAL A 250 -3.63 19.14 28.23
N PRO A 251 -4.17 20.22 28.82
CA PRO A 251 -3.76 20.59 30.19
C PRO A 251 -4.13 19.51 31.18
N SER A 252 -3.20 19.20 32.07
CA SER A 252 -3.42 18.16 33.06
C SER A 252 -4.66 18.49 33.89
N GLY A 253 -5.57 17.53 34.01
CA GLY A 253 -6.80 17.72 34.74
C GLY A 253 -7.99 18.12 33.89
N GLN A 254 -7.78 18.45 32.62
CA GLN A 254 -8.84 18.79 31.71
C GLN A 254 -9.17 17.65 30.73
N GLU A 255 -8.70 16.44 31.02
CA GLU A 255 -8.86 15.34 30.07
C GLU A 255 -10.33 15.11 29.71
N GLN A 256 -11.24 15.33 30.66
CA GLN A 256 -12.64 15.00 30.45
C GLN A 256 -13.32 15.87 29.41
N ARG A 257 -12.75 17.02 29.07
CA ARG A 257 -13.32 17.91 28.03
C ARG A 257 -13.11 17.36 26.62
N TYR A 258 -12.27 16.35 26.47
CA TYR A 258 -11.85 15.90 25.15
C TYR A 258 -12.49 14.55 24.83
N THR A 259 -12.97 14.43 23.59
CA THR A 259 -13.53 13.16 23.11
C THR A 259 -12.87 12.77 21.80
N CYS A 260 -12.68 11.47 21.62
CA CYS A 260 -12.17 10.94 20.37
C CYS A 260 -13.33 10.27 19.64
N HIS A 261 -13.48 10.59 18.36
CA HIS A 261 -14.59 10.10 17.55
C HIS A 261 -14.04 9.22 16.44
N VAL A 262 -14.58 8.00 16.34
CA VAL A 262 -14.11 6.98 15.40
C VAL A 262 -15.23 6.70 14.41
N GLN A 263 -14.94 6.87 13.13
CA GLN A 263 -15.87 6.51 12.06
C GLN A 263 -15.27 5.39 11.23
N HIS A 264 -16.06 4.35 11.00
CA HIS A 264 -15.59 3.23 10.22
C HIS A 264 -16.80 2.49 9.65
N GLU A 265 -16.61 1.86 8.49
CA GLU A 265 -17.74 1.19 7.84
C GLU A 265 -18.31 0.09 8.70
N GLY A 266 -17.49 -0.51 9.56
CA GLY A 266 -17.92 -1.60 10.42
C GLY A 266 -18.71 -1.17 11.65
N LEU A 267 -18.92 0.13 11.84
CA LEU A 267 -19.62 0.65 13.02
C LEU A 267 -21.02 1.10 12.64
N PRO A 268 -22.06 0.56 13.27
CA PRO A 268 -23.43 1.08 13.02
C PRO A 268 -23.52 2.59 13.18
N LYS A 269 -22.85 3.14 14.17
CA LYS A 269 -22.75 4.58 14.37
C LYS A 269 -21.36 4.89 14.91
N PRO A 270 -20.90 6.14 14.78
CA PRO A 270 -19.57 6.48 15.29
C PRO A 270 -19.45 6.16 16.77
N LEU A 271 -18.23 5.80 17.17
CA LEU A 271 -17.87 5.63 18.58
C LEU A 271 -17.28 6.92 19.13
N THR A 272 -17.58 7.20 20.40
CA THR A 272 -16.98 8.31 21.13
C THR A 272 -16.24 7.76 22.34
N LEU A 273 -14.97 8.11 22.49
CA LEU A 273 -14.18 7.72 23.65
C LEU A 273 -13.83 8.94 24.47
N ARG A 274 -13.81 8.78 25.80
CA ARG A 274 -13.50 9.87 26.71
C ARG A 274 -12.70 9.29 27.87
N TRP A 275 -11.65 9.98 28.28
CA TRP A 275 -10.85 9.57 29.45
C TRP A 275 -11.59 9.95 30.73
N GLU A 276 -11.91 8.98 31.54
CA GLU A 276 -12.56 9.26 32.86
C GLU A 276 -11.72 8.64 33.99
N ILE B 2 13.28 12.28 -8.82
CA ILE B 2 12.33 12.38 -7.72
C ILE B 2 12.93 11.57 -6.61
N GLN B 3 12.99 12.16 -5.45
CA GLN B 3 13.53 11.51 -4.27
C GLN B 3 12.66 11.87 -3.08
N ARG B 4 12.06 10.87 -2.46
CA ARG B 4 11.21 11.06 -1.30
C ARG B 4 11.73 10.20 -0.16
N THR B 5 11.93 10.81 1.00
CA THR B 5 12.50 10.14 2.16
C THR B 5 11.42 9.29 2.86
N PRO B 6 11.78 8.12 3.37
CA PRO B 6 10.75 7.23 3.94
C PRO B 6 10.24 7.74 5.28
N LYS B 7 8.93 7.58 5.47
CA LYS B 7 8.34 7.61 6.80
C LYS B 7 8.52 6.24 7.44
N ILE B 8 8.72 6.22 8.75
CA ILE B 8 8.98 4.97 9.46
C ILE B 8 8.07 4.88 10.68
N GLN B 9 7.38 3.75 10.82
CA GLN B 9 6.67 3.45 12.07
C GLN B 9 7.15 2.09 12.55
N VAL B 10 7.50 2.00 13.82
CA VAL B 10 7.93 0.74 14.44
C VAL B 10 6.92 0.38 15.51
N TYR B 11 6.38 -0.83 15.45
CA TYR B 11 5.25 -1.12 16.34
C TYR B 11 5.03 -2.63 16.35
N SER B 12 4.32 -3.10 17.39
CA SER B 12 3.98 -4.52 17.47
C SER B 12 2.61 -4.76 16.88
N ARG B 13 2.40 -5.98 16.38
CA ARG B 13 1.09 -6.31 15.80
C ARG B 13 0.00 -6.27 16.87
N HIS B 14 0.32 -6.72 18.07
CA HIS B 14 -0.62 -6.74 19.18
C HIS B 14 -0.07 -5.93 20.36
N PRO B 15 -0.95 -5.40 21.20
CA PRO B 15 -0.48 -4.72 22.42
C PRO B 15 0.54 -5.60 23.12
N ALA B 16 1.69 -5.02 23.45
CA ALA B 16 2.82 -5.81 23.90
C ALA B 16 2.65 -6.20 25.36
N GLU B 17 2.88 -7.48 25.65
CA GLU B 17 3.01 -7.97 27.01
C GLU B 17 4.30 -8.78 27.10
N ASN B 18 5.08 -8.53 28.15
CA ASN B 18 6.33 -9.25 28.33
C ASN B 18 6.06 -10.74 28.46
N GLY B 19 6.83 -11.54 27.73
CA GLY B 19 6.69 -12.99 27.78
C GLY B 19 5.62 -13.56 26.89
N LYS B 20 4.95 -12.75 26.07
CA LYS B 20 3.91 -13.24 25.18
C LYS B 20 4.33 -12.96 23.74
N SER B 21 4.48 -14.04 22.97
CA SER B 21 4.91 -13.96 21.58
C SER B 21 4.10 -12.92 20.81
N ASN B 22 4.75 -12.26 19.86
CA ASN B 22 4.15 -11.12 19.16
C ASN B 22 4.86 -10.97 17.82
N PHE B 23 4.56 -9.87 17.11
CA PHE B 23 5.21 -9.56 15.85
C PHE B 23 5.69 -8.12 15.89
N LEU B 24 6.95 -7.91 15.53
CA LEU B 24 7.55 -6.58 15.49
C LEU B 24 7.50 -6.10 14.05
N ASN B 25 6.89 -4.94 13.84
CA ASN B 25 6.68 -4.39 12.50
C ASN B 25 7.49 -3.13 12.29
N CYS B 26 8.06 -3.00 11.10
CA CYS B 26 8.61 -1.73 10.65
C CYS B 26 7.92 -1.39 9.33
N TYR B 27 7.05 -0.40 9.36
CA TYR B 27 6.32 0.04 8.18
C TYR B 27 7.04 1.24 7.59
N VAL B 28 7.53 1.09 6.37
N VAL B 28 7.51 1.10 6.36
CA VAL B 28 8.22 2.15 5.64
CA VAL B 28 8.24 2.16 5.65
C VAL B 28 7.33 2.58 4.48
C VAL B 28 7.40 2.58 4.45
N SER B 29 7.12 3.88 4.34
CA SER B 29 6.16 4.38 3.37
C SER B 29 6.58 5.74 2.86
N GLY B 30 5.92 6.18 1.79
CA GLY B 30 6.15 7.51 1.26
C GLY B 30 7.50 7.72 0.58
N PHE B 31 8.13 6.61 0.15
CA PHE B 31 9.49 6.85 -0.30
C PHE B 31 9.65 6.61 -1.81
N HIS B 32 10.76 7.16 -2.34
CA HIS B 32 11.06 7.03 -3.79
C HIS B 32 12.55 7.33 -4.02
N PRO B 33 13.35 6.41 -4.62
CA PRO B 33 12.83 5.26 -5.34
C PRO B 33 12.56 4.09 -4.40
N SER B 34 12.35 2.90 -4.95
CA SER B 34 11.98 1.74 -4.08
C SER B 34 13.22 1.08 -3.48
N ASP B 35 14.44 1.35 -3.99
CA ASP B 35 15.56 0.64 -3.40
C ASP B 35 15.78 1.14 -1.98
N ILE B 36 15.71 0.23 -1.02
CA ILE B 36 15.73 0.60 0.39
C ILE B 36 16.31 -0.57 1.17
N GLU B 37 16.98 -0.26 2.27
CA GLU B 37 17.50 -1.26 3.20
C GLU B 37 16.84 -1.07 4.54
N VAL B 38 16.20 -2.12 5.05
CA VAL B 38 15.52 -2.08 6.36
C VAL B 38 15.98 -3.30 7.15
N ASP B 39 16.46 -3.06 8.36
CA ASP B 39 16.80 -4.12 9.30
C ASP B 39 16.06 -3.90 10.61
N LEU B 40 15.61 -5.00 11.22
CA LEU B 40 15.11 -4.95 12.59
C LEU B 40 16.26 -5.28 13.52
N LEU B 41 16.38 -4.55 14.62
CA LEU B 41 17.49 -4.73 15.54
C LEU B 41 16.97 -5.13 16.92
N LYS B 42 17.71 -6.00 17.58
CA LYS B 42 17.48 -6.36 18.98
C LYS B 42 18.74 -6.00 19.75
N ASN B 43 18.62 -5.05 20.67
CA ASN B 43 19.76 -4.55 21.42
C ASN B 43 20.92 -4.21 20.50
N GLY B 44 20.59 -3.57 19.37
CA GLY B 44 21.58 -3.08 18.45
C GLY B 44 22.05 -4.06 17.39
N GLU B 45 21.72 -5.32 17.49
CA GLU B 45 22.12 -6.31 16.54
C GLU B 45 21.03 -6.68 15.56
N ARG B 46 21.41 -6.91 14.34
CA ARG B 46 20.49 -7.26 13.31
C ARG B 46 19.80 -8.56 13.53
N ILE B 47 18.52 -8.57 13.34
CA ILE B 47 17.76 -9.74 13.46
C ILE B 47 17.74 -10.37 12.10
N GLU B 48 18.04 -11.64 12.08
CA GLU B 48 18.19 -12.44 10.89
C GLU B 48 16.96 -12.96 10.13
N LYS B 49 15.96 -13.46 10.81
CA LYS B 49 14.81 -13.95 10.10
C LYS B 49 13.75 -12.87 10.03
N VAL B 50 13.92 -11.96 9.11
CA VAL B 50 12.97 -10.86 8.90
C VAL B 50 12.36 -11.01 7.52
N GLU B 51 11.04 -10.93 7.45
CA GLU B 51 10.32 -11.01 6.19
C GLU B 51 9.73 -9.65 5.85
N HIS B 52 9.32 -9.49 4.60
CA HIS B 52 8.70 -8.23 4.22
C HIS B 52 7.62 -8.49 3.19
N SER B 53 6.72 -7.52 3.10
CA SER B 53 5.62 -7.53 2.15
C SER B 53 6.13 -7.33 0.72
N ASP B 54 5.24 -7.56 -0.24
CA ASP B 54 5.54 -7.26 -1.63
C ASP B 54 5.42 -5.77 -1.88
N LEU B 55 6.41 -5.21 -2.55
CA LEU B 55 6.43 -3.79 -2.88
C LEU B 55 5.13 -3.36 -3.53
N SER B 56 4.54 -2.28 -3.01
CA SER B 56 3.36 -1.68 -3.61
C SER B 56 3.48 -0.17 -3.42
N PHE B 57 2.50 0.59 -3.91
CA PHE B 57 2.65 2.03 -3.83
C PHE B 57 1.30 2.71 -3.67
N SER B 58 1.35 3.98 -3.27
CA SER B 58 0.17 4.79 -3.00
C SER B 58 -0.20 5.60 -4.25
N LYS B 59 -1.27 6.40 -4.11
CA LYS B 59 -1.81 7.12 -5.24
C LYS B 59 -0.84 8.18 -5.77
N ASP B 60 0.06 8.67 -4.91
CA ASP B 60 1.07 9.62 -5.36
C ASP B 60 2.33 8.93 -5.87
N TRP B 61 2.29 7.61 -6.04
CA TRP B 61 3.34 6.77 -6.60
C TRP B 61 4.43 6.42 -5.58
N SER B 62 4.34 6.93 -4.35
CA SER B 62 5.35 6.59 -3.35
C SER B 62 5.16 5.18 -2.82
N PHE B 63 6.29 4.52 -2.52
CA PHE B 63 6.27 3.10 -2.20
C PHE B 63 6.00 2.85 -0.72
N TYR B 64 5.54 1.65 -0.40
CA TYR B 64 5.46 1.23 0.99
C TYR B 64 5.79 -0.25 1.13
N LEU B 65 6.43 -0.60 2.25
CA LEU B 65 6.79 -1.97 2.58
C LEU B 65 6.59 -2.19 4.08
N LEU B 66 6.18 -3.40 4.44
CA LEU B 66 6.14 -3.84 5.83
C LEU B 66 7.23 -4.88 6.05
N TYR B 67 8.12 -4.62 7.01
CA TYR B 67 9.10 -5.61 7.47
C TYR B 67 8.68 -6.12 8.84
N TYR B 68 8.81 -7.42 9.07
CA TYR B 68 8.27 -7.97 10.31
C TYR B 68 9.02 -9.23 10.70
N THR B 69 8.98 -9.51 12.00
CA THR B 69 9.58 -10.71 12.55
C THR B 69 8.85 -11.05 13.83
N GLU B 70 8.75 -12.34 14.13
CA GLU B 70 8.20 -12.75 15.41
C GLU B 70 9.17 -12.41 16.53
N PHE B 71 8.64 -12.00 17.67
CA PHE B 71 9.47 -11.69 18.82
C PHE B 71 8.63 -11.82 20.08
N THR B 72 9.33 -11.97 21.20
CA THR B 72 8.69 -11.94 22.51
C THR B 72 9.23 -10.74 23.29
N PRO B 73 8.46 -9.67 23.47
CA PRO B 73 8.95 -8.54 24.27
C PRO B 73 9.34 -8.97 25.67
N THR B 74 10.32 -8.25 26.22
CA THR B 74 10.75 -8.36 27.59
C THR B 74 10.95 -6.97 28.15
N GLU B 75 11.16 -6.89 29.47
CA GLU B 75 11.39 -5.60 30.11
C GLU B 75 12.67 -4.95 29.61
N LYS B 76 13.73 -5.70 29.54
CA LYS B 76 15.02 -5.20 29.18
C LYS B 76 15.44 -5.08 27.71
N ASP B 77 14.95 -5.94 26.84
CA ASP B 77 15.32 -5.90 25.46
C ASP B 77 14.86 -4.65 24.71
N GLU B 78 15.74 -4.09 23.93
CA GLU B 78 15.46 -2.91 23.17
C GLU B 78 15.32 -3.29 21.71
N TYR B 79 14.31 -2.83 21.06
CA TYR B 79 14.06 -3.16 19.67
C TYR B 79 14.00 -1.88 18.84
N ALA B 80 14.41 -1.98 17.58
CA ALA B 80 14.47 -0.80 16.73
C ALA B 80 14.39 -1.23 15.27
N CYS B 81 14.21 -0.23 14.42
CA CYS B 81 14.23 -0.40 12.97
C CYS B 81 15.32 0.51 12.42
N ARG B 82 16.19 -0.03 11.56
CA ARG B 82 17.25 0.75 10.93
C ARG B 82 16.99 0.81 9.44
N VAL B 83 16.83 2.01 8.91
CA VAL B 83 16.48 2.22 7.51
C VAL B 83 17.59 3.02 6.84
N ASN B 84 18.03 2.56 5.67
CA ASN B 84 18.95 3.32 4.82
C ASN B 84 18.31 3.47 3.45
N HIS B 85 18.50 4.65 2.85
CA HIS B 85 17.83 5.04 1.62
C HIS B 85 18.63 6.18 1.00
N VAL B 86 18.58 6.31 -0.33
CA VAL B 86 19.41 7.32 -0.99
C VAL B 86 19.14 8.70 -0.44
N THR B 87 17.95 8.93 0.09
CA THR B 87 17.63 10.23 0.67
C THR B 87 18.26 10.46 2.04
N LEU B 88 18.90 9.45 2.61
CA LEU B 88 19.46 9.52 3.96
C LEU B 88 20.97 9.55 3.89
N SER B 89 21.57 10.53 4.58
CA SER B 89 23.02 10.61 4.66
C SER B 89 23.61 9.47 5.48
N GLN B 90 22.90 9.02 6.49
CA GLN B 90 23.29 7.92 7.36
C GLN B 90 22.03 7.13 7.70
N PRO B 91 22.18 5.85 8.04
CA PRO B 91 21.00 5.04 8.37
C PRO B 91 20.19 5.70 9.48
N LYS B 92 18.87 5.69 9.30
CA LYS B 92 17.97 6.20 10.33
C LYS B 92 17.54 5.05 11.22
N ILE B 93 17.69 5.22 12.53
CA ILE B 93 17.33 4.19 13.50
C ILE B 93 16.16 4.71 14.32
N VAL B 94 15.04 3.99 14.28
CA VAL B 94 13.83 4.34 15.02
C VAL B 94 13.61 3.26 16.07
N LYS B 95 13.59 3.67 17.33
CA LYS B 95 13.41 2.72 18.43
C LYS B 95 11.94 2.37 18.61
N TRP B 96 11.68 1.11 18.95
CA TRP B 96 10.31 0.69 19.23
C TRP B 96 9.84 1.28 20.57
N ASP B 97 8.75 2.03 20.52
CA ASP B 97 8.09 2.54 21.71
C ASP B 97 6.74 1.84 21.85
N ARG B 98 6.57 1.10 22.95
CA ARG B 98 5.37 0.28 23.14
C ARG B 98 4.10 1.10 23.05
N ASP B 99 4.16 2.39 23.35
CA ASP B 99 2.98 3.24 23.41
C ASP B 99 2.68 3.93 22.09
N MET B 100 3.26 3.48 20.99
CA MET B 100 3.09 4.18 19.71
C MET B 100 2.88 3.27 18.49
N LEU C 1 -8.39 -10.91 -12.17
CA LEU C 1 -7.94 -11.39 -13.49
C LEU C 1 -7.23 -10.28 -14.29
N LEU C 2 -6.03 -10.57 -14.77
CA LEU C 2 -5.21 -9.55 -15.42
C LEU C 2 -5.69 -9.23 -16.83
N LEU C 3 -5.34 -8.03 -17.28
N LEU C 3 -5.38 -8.02 -17.27
CA LEU C 3 -5.62 -7.63 -18.65
CA LEU C 3 -5.55 -7.63 -18.65
C LEU C 3 -4.93 -8.58 -19.63
C LEU C 3 -4.95 -8.69 -19.57
N PRO C 4 -5.66 -9.11 -20.63
CA PRO C 4 -5.06 -10.08 -21.56
C PRO C 4 -3.92 -9.52 -22.40
N LEU C 5 -3.95 -8.24 -22.75
CA LEU C 5 -2.92 -7.60 -23.56
C LEU C 5 -2.51 -6.28 -22.90
N LEU C 6 -1.21 -6.05 -22.80
CA LEU C 6 -0.68 -4.79 -22.25
C LEU C 6 0.17 -4.11 -23.32
N PRO C 7 -0.40 -3.17 -24.08
CA PRO C 7 0.33 -2.57 -25.21
C PRO C 7 1.53 -1.77 -24.73
N PRO C 8 2.67 -1.93 -25.41
CA PRO C 8 3.83 -1.11 -25.07
C PRO C 8 3.60 0.36 -25.37
N LEU C 9 4.38 1.20 -24.70
CA LEU C 9 4.40 2.62 -25.03
C LEU C 9 4.57 2.85 -26.53
#